data_2LU0
#
_entry.id   2LU0
#
_entity_poly.entity_id   1
_entity_poly.type   'polyribonucleotide'
_entity_poly.pdbx_seq_one_letter_code
;GGAAUAUGCUCAACGAAAGUGAAUCAGCUUCGGCUGAGAGCUAAGUUCC
;
_entity_poly.pdbx_strand_id   A
#
loop_
_chem_comp.id
_chem_comp.type
_chem_comp.name
_chem_comp.formula
A RNA linking ADENOSINE-5'-MONOPHOSPHATE 'C10 H14 N5 O7 P'
C RNA linking CYTIDINE-5'-MONOPHOSPHATE 'C9 H14 N3 O8 P'
G RNA linking GUANOSINE-5'-MONOPHOSPHATE 'C10 H14 N5 O8 P'
U RNA linking URIDINE-5'-MONOPHOSPHATE 'C9 H13 N2 O9 P'
#